data_8ZF2
#
_entry.id   8ZF2
#
_cell.length_a   40.600
_cell.length_b   44.310
_cell.length_c   61.026
_cell.angle_alpha   70.390
_cell.angle_beta   72.780
_cell.angle_gamma   85.110
#
_symmetry.space_group_name_H-M   'P 1'
#
loop_
_entity.id
_entity.type
_entity.pdbx_description
1 polymer 'Quorum-sensing regulator of virulence HapR'
2 non-polymer DI(HYDROXYETHYL)ETHER
3 water water
#
_entity_poly.entity_id   1
_entity_poly.type   'polypeptide(L)'
_entity_poly.pdbx_seq_one_letter_code
;MDTIVKKTRTRLSPEKRKQQLLDYALDVFARRGIGRAGHADIAEMANVSVATVFNYFPTREALVEQVLTQVENRFSTMLQ
TCMGNPGKPLLLRLNCITHNLIDAVIEQQDWLKVWFEWSTSIRDEIWPQFTHDNRKSLECLTEMFAEGLEKQEITTQQPA
DKLAWQLYGICYVLYLQANLNPDQEQMRELADGYVTGLLGK
;
_entity_poly.pdbx_strand_id   A,B
#
# COMPACT_ATOMS: atom_id res chain seq x y z
N LEU A 12 -32.84 12.02 -17.51
CA LEU A 12 -31.68 11.14 -17.64
C LEU A 12 -32.10 9.70 -17.41
N SER A 13 -31.72 8.79 -18.30
CA SER A 13 -32.12 7.39 -18.18
C SER A 13 -31.50 6.78 -16.92
N PRO A 14 -32.09 5.69 -16.40
CA PRO A 14 -31.55 5.11 -15.15
C PRO A 14 -30.12 4.59 -15.28
N GLU A 15 -29.76 4.02 -16.43
CA GLU A 15 -28.39 3.54 -16.57
C GLU A 15 -27.41 4.71 -16.65
N LYS A 16 -27.76 5.73 -17.45
CA LYS A 16 -27.14 7.06 -17.40
C LYS A 16 -26.86 7.52 -15.98
N ARG A 17 -27.92 7.57 -15.15
CA ARG A 17 -27.82 8.15 -13.82
C ARG A 17 -26.95 7.30 -12.90
N LYS A 18 -27.13 5.98 -12.93
CA LYS A 18 -26.36 5.12 -12.04
C LYS A 18 -24.87 5.25 -12.31
N GLN A 19 -24.48 5.33 -13.59
CA GLN A 19 -23.06 5.43 -13.92
C GLN A 19 -22.50 6.80 -13.57
N GLN A 20 -23.30 7.85 -13.70
CA GLN A 20 -22.88 9.17 -13.23
C GLN A 20 -22.60 9.16 -11.74
N LEU A 21 -23.50 8.55 -10.95
CA LEU A 21 -23.32 8.52 -9.50
C LEU A 21 -22.12 7.68 -9.11
N LEU A 22 -21.92 6.54 -9.78
CA LEU A 22 -20.76 5.70 -9.47
C LEU A 22 -19.46 6.41 -9.82
N ASP A 23 -19.43 7.09 -10.97
N ASP A 23 -19.44 7.15 -10.93
CA ASP A 23 -18.27 7.90 -11.34
CA ASP A 23 -18.23 7.87 -11.32
C ASP A 23 -17.93 8.91 -10.26
C ASP A 23 -17.91 8.99 -10.34
N TYR A 24 -18.94 9.68 -9.83
CA TYR A 24 -18.68 10.73 -8.84
C TYR A 24 -18.24 10.13 -7.51
N ALA A 25 -18.82 9.00 -7.12
CA ALA A 25 -18.42 8.34 -5.88
C ALA A 25 -16.98 7.86 -5.95
N LEU A 26 -16.59 7.24 -7.08
CA LEU A 26 -15.20 6.88 -7.26
C LEU A 26 -14.30 8.12 -7.20
N ASP A 27 -14.77 9.23 -7.76
CA ASP A 27 -13.94 10.43 -7.79
C ASP A 27 -13.66 10.93 -6.39
N VAL A 28 -14.68 11.04 -5.56
CA VAL A 28 -14.46 11.57 -4.21
C VAL A 28 -13.71 10.55 -3.35
N PHE A 29 -13.91 9.25 -3.62
CA PHE A 29 -13.12 8.24 -2.90
C PHE A 29 -11.64 8.41 -3.19
N ALA A 30 -11.31 8.73 -4.45
CA ALA A 30 -9.91 8.90 -4.82
C ALA A 30 -9.34 10.17 -4.20
N ARG A 31 -10.14 11.23 -4.09
CA ARG A 31 -9.65 12.49 -3.55
C ARG A 31 -9.59 12.48 -2.03
N ARG A 32 -10.60 11.93 -1.37
CA ARG A 32 -10.73 12.04 0.08
C ARG A 32 -10.56 10.72 0.82
N GLY A 33 -10.61 9.59 0.14
CA GLY A 33 -10.52 8.33 0.84
C GLY A 33 -11.79 7.51 0.71
N ILE A 34 -11.64 6.18 0.72
CA ILE A 34 -12.76 5.28 0.50
C ILE A 34 -13.82 5.49 1.56
N GLY A 35 -15.06 5.72 1.11
CA GLY A 35 -16.21 5.70 1.99
C GLY A 35 -16.34 6.88 2.93
N ARG A 36 -15.71 8.00 2.62
CA ARG A 36 -15.77 9.16 3.51
C ARG A 36 -16.86 10.14 3.11
N ALA A 37 -17.27 10.16 1.85
CA ALA A 37 -18.32 11.07 1.40
C ALA A 37 -19.69 10.45 1.59
N GLY A 38 -20.64 11.28 2.01
CA GLY A 38 -22.00 10.81 2.18
C GLY A 38 -22.79 10.83 0.89
N HIS A 39 -23.97 10.22 0.95
CA HIS A 39 -24.89 10.29 -0.18
C HIS A 39 -25.19 11.75 -0.53
N ALA A 40 -25.30 12.61 0.50
CA ALA A 40 -25.57 14.02 0.26
C ALA A 40 -24.44 14.67 -0.53
N ASP A 41 -23.20 14.25 -0.29
CA ASP A 41 -22.08 14.79 -1.05
C ASP A 41 -22.16 14.37 -2.52
N ILE A 42 -22.47 13.10 -2.77
CA ILE A 42 -22.66 12.64 -4.16
C ILE A 42 -23.82 13.38 -4.81
N ALA A 43 -24.91 13.58 -4.07
CA ALA A 43 -26.05 14.29 -4.62
C ALA A 43 -25.67 15.69 -5.08
N GLU A 44 -24.84 16.39 -4.28
CA GLU A 44 -24.46 17.74 -4.66
C GLU A 44 -23.58 17.76 -5.90
N MET A 45 -22.69 16.76 -6.05
CA MET A 45 -21.85 16.73 -7.25
C MET A 45 -22.67 16.46 -8.51
N ALA A 46 -23.70 15.62 -8.40
CA ALA A 46 -24.52 15.27 -9.54
C ALA A 46 -25.70 16.22 -9.74
N ASN A 47 -25.89 17.18 -8.83
CA ASN A 47 -27.02 18.10 -8.86
C ASN A 47 -28.34 17.33 -8.90
N VAL A 48 -28.47 16.34 -8.03
CA VAL A 48 -29.70 15.59 -7.84
C VAL A 48 -30.08 15.63 -6.37
N SER A 49 -31.32 15.22 -6.08
CA SER A 49 -31.74 15.12 -4.70
C SER A 49 -30.98 14.01 -3.99
N VAL A 50 -30.89 14.13 -2.65
CA VAL A 50 -30.31 13.06 -1.86
C VAL A 50 -31.13 11.78 -2.02
N ALA A 51 -32.45 11.91 -2.08
CA ALA A 51 -33.32 10.74 -2.26
C ALA A 51 -32.97 9.99 -3.53
N THR A 52 -32.58 10.71 -4.59
CA THR A 52 -32.18 10.05 -5.83
C THR A 52 -31.02 9.10 -5.61
N VAL A 53 -30.01 9.55 -4.86
CA VAL A 53 -28.86 8.68 -4.61
C VAL A 53 -29.27 7.47 -3.79
N PHE A 54 -30.14 7.66 -2.80
CA PHE A 54 -30.61 6.53 -2.00
C PHE A 54 -31.48 5.59 -2.82
N ASN A 55 -32.19 6.11 -3.82
CA ASN A 55 -32.95 5.24 -4.71
C ASN A 55 -32.03 4.28 -5.46
N TYR A 56 -30.84 4.72 -5.82
CA TYR A 56 -29.89 3.87 -6.51
C TYR A 56 -29.01 3.06 -5.57
N PHE A 57 -28.73 3.60 -4.38
CA PHE A 57 -27.87 2.93 -3.41
C PHE A 57 -28.54 3.05 -2.05
N PRO A 58 -29.32 2.04 -1.65
CA PRO A 58 -30.12 2.19 -0.42
C PRO A 58 -29.30 2.40 0.84
N THR A 59 -28.04 1.99 0.86
CA THR A 59 -27.17 2.19 2.01
C THR A 59 -25.83 2.74 1.56
N ARG A 60 -25.14 3.38 2.51
CA ARG A 60 -23.78 3.84 2.24
C ARG A 60 -22.88 2.67 1.86
N GLU A 61 -23.10 1.51 2.48
CA GLU A 61 -22.26 0.35 2.23
C GLU A 61 -22.50 -0.25 0.85
N ALA A 62 -23.74 -0.14 0.33
CA ALA A 62 -24.01 -0.64 -1.01
C ALA A 62 -23.27 0.17 -2.06
N LEU A 63 -23.18 1.49 -1.87
CA LEU A 63 -22.40 2.31 -2.79
C LEU A 63 -20.92 1.96 -2.74
N VAL A 64 -20.39 1.76 -1.53
CA VAL A 64 -18.97 1.44 -1.38
C VAL A 64 -18.62 0.16 -2.14
N GLU A 65 -19.41 -0.90 -1.93
CA GLU A 65 -19.05 -2.19 -2.52
C GLU A 65 -19.19 -2.16 -4.03
N GLN A 66 -20.14 -1.38 -4.56
CA GLN A 66 -20.31 -1.31 -6.00
C GLN A 66 -19.19 -0.48 -6.65
N VAL A 67 -18.71 0.55 -5.96
CA VAL A 67 -17.55 1.29 -6.46
C VAL A 67 -16.31 0.39 -6.45
N LEU A 68 -16.10 -0.35 -5.36
CA LEU A 68 -14.95 -1.23 -5.28
C LEU A 68 -15.04 -2.38 -6.27
N THR A 69 -16.24 -2.88 -6.55
CA THR A 69 -16.40 -3.89 -7.59
C THR A 69 -15.97 -3.35 -8.95
N GLN A 70 -16.32 -2.09 -9.24
CA GLN A 70 -15.88 -1.48 -10.49
C GLN A 70 -14.37 -1.25 -10.48
N VAL A 71 -13.80 -0.91 -9.33
CA VAL A 71 -12.36 -0.72 -9.25
C VAL A 71 -11.64 -2.04 -9.51
N GLU A 72 -12.14 -3.13 -8.93
CA GLU A 72 -11.53 -4.44 -9.17
C GLU A 72 -11.64 -4.83 -10.63
N ASN A 73 -12.77 -4.53 -11.27
CA ASN A 73 -12.92 -4.87 -12.68
C ASN A 73 -11.93 -4.10 -13.54
N ARG A 74 -11.65 -2.84 -13.19
CA ARG A 74 -10.65 -2.08 -13.93
C ARG A 74 -9.26 -2.70 -13.76
N PHE A 75 -8.94 -3.15 -12.54
CA PHE A 75 -7.64 -3.76 -12.30
C PHE A 75 -7.49 -5.07 -13.07
N SER A 76 -8.46 -5.96 -12.94
CA SER A 76 -8.37 -7.26 -13.61
C SER A 76 -8.42 -7.12 -15.13
N THR A 77 -9.17 -6.13 -15.65
CA THR A 77 -9.23 -5.94 -17.09
C THR A 77 -7.88 -5.45 -17.63
N MET A 78 -7.18 -4.60 -16.87
CA MET A 78 -5.84 -4.17 -17.25
C MET A 78 -4.91 -5.37 -17.39
N LEU A 79 -4.94 -6.28 -16.40
CA LEU A 79 -4.06 -7.45 -16.42
C LEU A 79 -4.40 -8.36 -17.60
N GLN A 80 -5.69 -8.66 -17.80
CA GLN A 80 -6.08 -9.58 -18.86
C GLN A 80 -5.75 -9.00 -20.24
N THR A 81 -5.95 -7.70 -20.42
CA THR A 81 -5.54 -7.06 -21.67
C THR A 81 -4.04 -7.21 -21.90
N CYS A 82 -3.25 -7.11 -20.84
CA CYS A 82 -1.80 -7.29 -20.99
C CYS A 82 -1.44 -8.73 -21.31
N MET A 83 -2.29 -9.69 -20.93
CA MET A 83 -2.00 -11.08 -21.27
C MET A 83 -2.01 -11.31 -22.78
N GLY A 84 -2.84 -10.55 -23.50
CA GLY A 84 -2.92 -10.68 -24.94
C GLY A 84 -3.38 -12.06 -25.37
N ASN A 85 -2.89 -12.49 -26.53
CA ASN A 85 -3.18 -13.82 -27.04
C ASN A 85 -2.27 -14.86 -26.41
N PRO A 86 -2.70 -16.12 -26.37
CA PRO A 86 -1.81 -17.21 -25.94
C PRO A 86 -0.53 -17.21 -26.77
N GLY A 87 0.59 -17.49 -26.10
CA GLY A 87 1.88 -17.44 -26.74
C GLY A 87 2.57 -16.09 -26.66
N LYS A 88 1.91 -15.07 -26.11
CA LYS A 88 2.57 -13.81 -25.88
C LYS A 88 3.71 -14.01 -24.88
N PRO A 89 4.93 -13.59 -25.18
CA PRO A 89 6.05 -13.85 -24.28
C PRO A 89 5.84 -13.23 -22.90
N LEU A 90 6.38 -13.92 -21.89
CA LEU A 90 6.31 -13.42 -20.52
C LEU A 90 6.89 -12.02 -20.40
N LEU A 91 8.01 -11.76 -21.08
CA LEU A 91 8.66 -10.45 -21.00
C LEU A 91 7.71 -9.35 -21.48
N LEU A 92 7.05 -9.58 -22.61
CA LEU A 92 6.13 -8.57 -23.14
C LEU A 92 4.91 -8.39 -22.25
N ARG A 93 4.43 -9.48 -21.65
CA ARG A 93 3.34 -9.35 -20.69
C ARG A 93 3.74 -8.51 -19.49
N LEU A 94 4.93 -8.79 -18.93
CA LEU A 94 5.39 -8.04 -17.77
C LEU A 94 5.61 -6.57 -18.09
N ASN A 95 6.22 -6.28 -19.25
CA ASN A 95 6.42 -4.89 -19.63
C ASN A 95 5.08 -4.19 -19.82
N CYS A 96 4.09 -4.90 -20.37
CA CYS A 96 2.75 -4.32 -20.52
C CYS A 96 2.18 -3.94 -19.16
N ILE A 97 2.30 -4.84 -18.18
CA ILE A 97 1.71 -4.59 -16.86
C ILE A 97 2.36 -3.38 -16.21
N THR A 98 3.71 -3.33 -16.22
CA THR A 98 4.40 -2.22 -15.56
C THR A 98 4.17 -0.91 -16.29
N HIS A 99 4.21 -0.94 -17.63
CA HIS A 99 4.05 0.31 -18.38
C HIS A 99 2.64 0.85 -18.24
N ASN A 100 1.63 -0.03 -18.23
CA ASN A 100 0.26 0.46 -18.00
C ASN A 100 0.08 0.98 -16.59
N LEU A 101 0.68 0.32 -15.59
CA LEU A 101 0.61 0.84 -14.23
C LEU A 101 1.22 2.23 -14.16
N ILE A 102 2.39 2.41 -14.77
CA ILE A 102 3.06 3.72 -14.76
C ILE A 102 2.19 4.77 -15.41
N ASP A 103 1.68 4.48 -16.62
CA ASP A 103 0.86 5.45 -17.32
C ASP A 103 -0.42 5.77 -16.56
N ALA A 104 -0.97 4.80 -15.84
CA ALA A 104 -2.16 5.04 -15.03
C ALA A 104 -1.87 6.00 -13.88
N VAL A 105 -0.66 5.93 -13.32
CA VAL A 105 -0.28 6.90 -12.29
C VAL A 105 -0.08 8.27 -12.91
N ILE A 106 0.54 8.33 -14.09
CA ILE A 106 0.77 9.62 -14.75
C ILE A 106 -0.56 10.32 -15.02
N GLU A 107 -1.56 9.57 -15.48
CA GLU A 107 -2.89 10.15 -15.70
C GLU A 107 -3.71 10.25 -14.42
N GLN A 108 -3.14 9.85 -13.27
CA GLN A 108 -3.80 9.95 -11.97
C GLN A 108 -5.19 9.30 -11.99
N GLN A 109 -5.25 8.09 -12.52
CA GLN A 109 -6.52 7.37 -12.62
C GLN A 109 -7.08 7.06 -11.24
N ASP A 110 -8.35 7.45 -11.05
CA ASP A 110 -9.01 7.26 -9.75
C ASP A 110 -8.99 5.79 -9.34
N TRP A 111 -9.32 4.89 -10.26
CA TRP A 111 -9.46 3.48 -9.90
C TRP A 111 -8.17 2.90 -9.32
N LEU A 112 -7.02 3.26 -9.89
CA LEU A 112 -5.77 2.71 -9.38
C LEU A 112 -5.43 3.28 -8.01
N LYS A 113 -5.72 4.56 -7.78
CA LYS A 113 -5.52 5.12 -6.44
C LYS A 113 -6.41 4.44 -5.41
N VAL A 114 -7.68 4.20 -5.77
CA VAL A 114 -8.59 3.57 -4.84
C VAL A 114 -8.21 2.11 -4.61
N TRP A 115 -7.78 1.41 -5.67
CA TRP A 115 -7.35 0.03 -5.52
C TRP A 115 -6.24 -0.11 -4.48
N PHE A 116 -5.23 0.75 -4.55
CA PHE A 116 -4.12 0.62 -3.62
C PHE A 116 -4.52 1.03 -2.21
N GLU A 117 -5.39 2.03 -2.08
CA GLU A 117 -5.88 2.36 -0.74
C GLU A 117 -6.73 1.22 -0.17
N TRP A 118 -7.54 0.59 -1.01
CA TRP A 118 -8.28 -0.60 -0.62
C TRP A 118 -7.36 -1.69 -0.10
N SER A 119 -6.20 -1.88 -0.74
CA SER A 119 -5.32 -2.98 -0.39
C SER A 119 -4.80 -2.88 1.04
N THR A 120 -4.68 -1.67 1.58
CA THR A 120 -4.12 -1.49 2.92
C THR A 120 -5.19 -1.12 3.95
N SER A 121 -6.47 -1.31 3.63
CA SER A 121 -7.56 -1.03 4.58
C SER A 121 -7.84 -2.27 5.43
N ILE A 122 -6.84 -2.65 6.23
CA ILE A 122 -6.83 -3.96 6.87
C ILE A 122 -8.01 -4.11 7.82
N ARG A 123 -8.25 -3.10 8.65
CA ARG A 123 -9.21 -3.19 9.74
C ARG A 123 -10.63 -2.86 9.32
N ASP A 124 -10.84 -2.53 8.04
CA ASP A 124 -12.14 -2.06 7.58
C ASP A 124 -12.95 -3.23 7.05
N GLU A 125 -14.28 -3.08 7.12
CA GLU A 125 -15.20 -4.09 6.61
C GLU A 125 -14.98 -4.40 5.14
N ILE A 126 -14.27 -3.53 4.41
CA ILE A 126 -14.05 -3.73 2.98
C ILE A 126 -12.85 -4.62 2.68
N TRP A 127 -12.01 -4.92 3.67
CA TRP A 127 -10.81 -5.70 3.34
C TRP A 127 -11.13 -7.14 2.96
N PRO A 128 -12.11 -7.81 3.58
CA PRO A 128 -12.51 -9.13 3.06
C PRO A 128 -12.94 -9.08 1.60
N GLN A 129 -13.56 -7.98 1.15
CA GLN A 129 -13.86 -7.87 -0.27
C GLN A 129 -12.58 -7.75 -1.09
N PHE A 130 -11.57 -7.03 -0.58
CA PHE A 130 -10.34 -6.90 -1.34
C PHE A 130 -9.65 -8.25 -1.50
N THR A 131 -9.49 -8.99 -0.41
CA THR A 131 -8.74 -10.25 -0.49
C THR A 131 -9.50 -11.29 -1.30
N HIS A 132 -10.83 -11.27 -1.25
CA HIS A 132 -11.60 -12.27 -1.99
C HIS A 132 -11.73 -11.89 -3.47
N ASP A 133 -12.12 -10.64 -3.75
CA ASP A 133 -12.37 -10.24 -5.13
C ASP A 133 -11.11 -10.24 -5.98
N ASN A 134 -9.94 -10.09 -5.38
CA ASN A 134 -8.71 -9.99 -6.13
C ASN A 134 -7.93 -11.30 -6.20
N ARG A 135 -8.51 -12.40 -5.68
CA ARG A 135 -7.92 -13.71 -5.91
C ARG A 135 -7.78 -14.02 -7.40
N LYS A 136 -8.75 -13.58 -8.21
CA LYS A 136 -8.71 -13.91 -9.63
C LYS A 136 -7.50 -13.27 -10.30
N SER A 137 -7.14 -12.05 -9.88
CA SER A 137 -5.96 -11.40 -10.46
C SER A 137 -4.68 -12.06 -9.98
N LEU A 138 -4.64 -12.47 -8.71
CA LEU A 138 -3.52 -13.27 -8.22
C LEU A 138 -3.37 -14.55 -9.02
N GLU A 139 -4.48 -15.24 -9.27
CA GLU A 139 -4.43 -16.47 -10.06
C GLU A 139 -4.04 -16.16 -11.50
N CYS A 140 -4.52 -15.04 -12.04
CA CYS A 140 -4.16 -14.65 -13.41
C CYS A 140 -2.65 -14.46 -13.54
N LEU A 141 -2.05 -13.75 -12.58
CA LEU A 141 -0.59 -13.58 -12.58
C LEU A 141 0.12 -14.91 -12.35
N THR A 142 -0.43 -15.77 -11.48
CA THR A 142 0.18 -17.06 -11.25
C THR A 142 0.19 -17.90 -12.53
N GLU A 143 -0.92 -17.90 -13.28
CA GLU A 143 -0.97 -18.66 -14.53
C GLU A 143 0.03 -18.12 -15.53
N MET A 144 0.24 -16.80 -15.55
CA MET A 144 1.17 -16.24 -16.52
C MET A 144 2.60 -16.65 -16.20
N PHE A 145 2.96 -16.68 -14.90
CA PHE A 145 4.30 -17.13 -14.56
C PHE A 145 4.45 -18.64 -14.79
N ALA A 146 3.40 -19.41 -14.51
CA ALA A 146 3.47 -20.84 -14.76
C ALA A 146 3.67 -21.14 -16.24
N GLU A 147 2.96 -20.40 -17.11
CA GLU A 147 3.22 -20.50 -18.55
C GLU A 147 4.66 -20.20 -18.87
N GLY A 148 5.18 -19.09 -18.34
CA GLY A 148 6.56 -18.73 -18.58
C GLY A 148 7.51 -19.81 -18.12
N LEU A 149 7.22 -20.41 -16.97
CA LEU A 149 8.00 -21.58 -16.52
C LEU A 149 7.99 -22.68 -17.58
N GLU A 150 6.79 -23.03 -18.09
CA GLU A 150 6.69 -24.11 -19.06
C GLU A 150 7.50 -23.81 -20.31
N LYS A 151 7.53 -22.55 -20.73
CA LYS A 151 8.25 -22.14 -21.93
C LYS A 151 9.70 -21.76 -21.65
N GLN A 152 10.20 -22.05 -20.45
CA GLN A 152 11.59 -21.75 -20.07
C GLN A 152 11.93 -20.27 -20.25
N GLU A 153 10.93 -19.40 -20.06
CA GLU A 153 11.16 -17.96 -20.06
C GLU A 153 11.58 -17.43 -18.69
N ILE A 154 11.45 -18.24 -17.64
CA ILE A 154 11.88 -17.89 -16.30
C ILE A 154 12.10 -19.20 -15.56
N THR A 155 13.00 -19.18 -14.59
CA THR A 155 13.39 -20.40 -13.91
C THR A 155 12.32 -20.84 -12.90
N THR A 156 12.39 -22.12 -12.53
CA THR A 156 11.47 -22.71 -11.57
C THR A 156 12.02 -22.69 -10.15
N GLN A 157 13.02 -21.83 -9.87
CA GLN A 157 13.53 -21.72 -8.51
C GLN A 157 12.45 -21.30 -7.54
N GLN A 158 11.53 -20.45 -7.99
CA GLN A 158 10.42 -19.99 -7.19
C GLN A 158 9.10 -20.52 -7.75
N PRO A 159 8.15 -20.89 -6.90
CA PRO A 159 6.82 -21.27 -7.41
C PRO A 159 6.17 -20.10 -8.12
N ALA A 160 5.27 -20.41 -9.06
CA ALA A 160 4.63 -19.37 -9.86
C ALA A 160 3.86 -18.39 -8.98
N ASP A 161 3.18 -18.89 -7.95
CA ASP A 161 2.43 -18.02 -7.03
C ASP A 161 3.35 -17.04 -6.31
N LYS A 162 4.55 -17.48 -5.94
CA LYS A 162 5.47 -16.56 -5.26
C LYS A 162 5.99 -15.50 -6.22
N LEU A 163 6.19 -15.87 -7.49
CA LEU A 163 6.56 -14.87 -8.49
C LEU A 163 5.45 -13.84 -8.67
N ALA A 164 4.19 -14.29 -8.64
CA ALA A 164 3.06 -13.38 -8.75
C ALA A 164 3.04 -12.38 -7.60
N TRP A 165 3.24 -12.86 -6.36
CA TRP A 165 3.32 -11.94 -5.23
C TRP A 165 4.51 -10.99 -5.37
N GLN A 166 5.64 -11.50 -5.87
CA GLN A 166 6.80 -10.64 -6.08
C GLN A 166 6.47 -9.54 -7.08
N LEU A 167 5.82 -9.89 -8.18
CA LEU A 167 5.41 -8.87 -9.15
C LEU A 167 4.46 -7.86 -8.53
N TYR A 168 3.58 -8.33 -7.65
CA TYR A 168 2.67 -7.44 -6.95
C TYR A 168 3.44 -6.41 -6.12
N GLY A 169 4.46 -6.86 -5.39
CA GLY A 169 5.28 -5.93 -4.63
C GLY A 169 6.01 -4.94 -5.51
N ILE A 170 6.47 -5.39 -6.68
CA ILE A 170 7.11 -4.48 -7.65
C ILE A 170 6.10 -3.44 -8.13
N CYS A 171 4.85 -3.85 -8.36
CA CYS A 171 3.84 -2.89 -8.79
C CYS A 171 3.58 -1.86 -7.69
N TYR A 172 3.65 -2.27 -6.42
CA TYR A 172 3.45 -1.33 -5.33
C TYR A 172 4.56 -0.28 -5.29
N VAL A 173 5.81 -0.70 -5.42
CA VAL A 173 6.89 0.28 -5.34
C VAL A 173 6.92 1.15 -6.60
N LEU A 174 6.62 0.56 -7.76
CA LEU A 174 6.49 1.37 -8.97
C LEU A 174 5.39 2.40 -8.82
N TYR A 175 4.28 2.01 -8.18
CA TYR A 175 3.17 2.92 -7.95
C TYR A 175 3.61 4.11 -7.09
N LEU A 176 4.33 3.84 -6.01
CA LEU A 176 4.80 4.93 -5.16
C LEU A 176 5.84 5.77 -5.88
N GLN A 177 6.76 5.13 -6.60
CA GLN A 177 7.83 5.88 -7.25
C GLN A 177 7.31 6.73 -8.39
N ALA A 178 6.30 6.25 -9.11
CA ALA A 178 5.72 7.03 -10.19
C ALA A 178 4.90 8.19 -9.66
N ASN A 179 4.23 8.01 -8.52
CA ASN A 179 3.56 9.13 -7.89
C ASN A 179 4.56 10.19 -7.45
N LEU A 180 5.73 9.76 -6.95
CA LEU A 180 6.80 10.69 -6.61
C LEU A 180 7.33 11.41 -7.84
N ASN A 181 7.52 10.66 -8.94
CA ASN A 181 8.12 11.20 -10.16
C ASN A 181 7.36 10.68 -11.37
N PRO A 182 6.27 11.36 -11.75
CA PRO A 182 5.45 10.90 -12.89
C PRO A 182 6.10 11.22 -14.24
N ASP A 183 7.27 10.63 -14.47
CA ASP A 183 8.00 10.78 -15.72
C ASP A 183 8.05 9.41 -16.40
N GLN A 184 7.44 9.30 -17.57
CA GLN A 184 7.30 8.00 -18.20
C GLN A 184 8.65 7.35 -18.51
N GLU A 185 9.56 8.10 -19.11
CA GLU A 185 10.84 7.51 -19.51
C GLU A 185 11.64 7.05 -18.29
N GLN A 186 11.73 7.90 -17.27
CA GLN A 186 12.48 7.51 -16.08
C GLN A 186 11.80 6.34 -15.36
N MET A 187 10.46 6.31 -15.38
CA MET A 187 9.75 5.28 -14.64
C MET A 187 9.84 3.95 -15.38
N ARG A 188 9.78 3.99 -16.72
CA ARG A 188 9.93 2.77 -17.50
C ARG A 188 11.34 2.19 -17.38
N GLU A 189 12.36 3.04 -17.25
CA GLU A 189 13.70 2.51 -16.98
C GLU A 189 13.74 1.76 -15.66
N LEU A 190 13.11 2.31 -14.62
CA LEU A 190 13.05 1.62 -13.34
C LEU A 190 12.29 0.30 -13.46
N ALA A 191 11.14 0.34 -14.15
CA ALA A 191 10.31 -0.86 -14.28
C ALA A 191 11.03 -1.94 -15.08
N ASP A 192 11.70 -1.56 -16.18
CA ASP A 192 12.45 -2.54 -16.95
C ASP A 192 13.59 -3.16 -16.14
N GLY A 193 14.20 -2.37 -15.24
CA GLY A 193 15.22 -2.94 -14.37
C GLY A 193 14.67 -3.98 -13.42
N TYR A 194 13.51 -3.69 -12.82
CA TYR A 194 12.86 -4.66 -11.93
C TYR A 194 12.47 -5.93 -12.70
N VAL A 195 11.90 -5.78 -13.89
CA VAL A 195 11.47 -6.93 -14.66
C VAL A 195 12.66 -7.76 -15.11
N THR A 196 13.73 -7.11 -15.56
CA THR A 196 14.94 -7.83 -15.93
C THR A 196 15.48 -8.64 -14.76
N GLY A 197 15.56 -8.02 -13.59
CA GLY A 197 16.02 -8.74 -12.42
C GLY A 197 15.09 -9.88 -12.03
N LEU A 198 13.78 -9.64 -12.11
CA LEU A 198 12.81 -10.68 -11.81
C LEU A 198 12.96 -11.86 -12.77
N LEU A 199 13.20 -11.58 -14.06
CA LEU A 199 13.32 -12.65 -15.04
C LEU A 199 14.61 -13.44 -14.88
N GLY A 200 15.64 -12.82 -14.32
CA GLY A 200 16.92 -13.50 -14.13
C GLY A 200 16.88 -14.47 -12.96
N LEU B 12 -1.43 13.62 33.37
CA LEU B 12 -0.84 14.26 34.54
C LEU B 12 -0.01 15.47 34.10
N SER B 13 1.31 15.30 34.05
CA SER B 13 2.17 16.36 33.57
C SER B 13 1.90 16.63 32.09
N PRO B 14 2.12 17.86 31.63
CA PRO B 14 1.68 18.23 30.27
C PRO B 14 2.21 17.33 29.17
N GLU B 15 3.50 16.98 29.20
CA GLU B 15 4.04 16.16 28.13
C GLU B 15 3.46 14.74 28.18
N LYS B 16 3.15 14.22 29.37
CA LYS B 16 2.47 12.93 29.46
C LYS B 16 1.01 13.04 29.03
N ARG B 17 0.32 14.14 29.36
CA ARG B 17 -1.06 14.30 28.90
C ARG B 17 -1.13 14.38 27.38
N LYS B 18 -0.19 15.12 26.77
CA LYS B 18 -0.18 15.20 25.31
C LYS B 18 0.09 13.83 24.69
N GLN B 19 1.00 13.05 25.28
CA GLN B 19 1.28 11.72 24.75
C GLN B 19 0.05 10.83 24.82
N GLN B 20 -0.72 10.94 25.91
CA GLN B 20 -1.94 10.15 26.04
C GLN B 20 -2.91 10.46 24.90
N LEU B 21 -3.04 11.74 24.55
CA LEU B 21 -3.93 12.12 23.46
C LEU B 21 -3.42 11.58 22.13
N LEU B 22 -2.10 11.66 21.89
CA LEU B 22 -1.55 11.10 20.66
C LEU B 22 -1.82 9.60 20.57
N ASP B 23 -1.69 8.89 21.69
CA ASP B 23 -1.93 7.45 21.68
C ASP B 23 -3.39 7.12 21.37
N TYR B 24 -4.31 7.87 21.96
CA TYR B 24 -5.73 7.68 21.66
C TYR B 24 -6.02 7.96 20.19
N ALA B 25 -5.40 9.02 19.65
CA ALA B 25 -5.61 9.34 18.23
C ALA B 25 -5.07 8.25 17.34
N LEU B 26 -3.90 7.69 17.68
CA LEU B 26 -3.38 6.56 16.92
C LEU B 26 -4.34 5.37 16.97
N ASP B 27 -4.95 5.14 18.13
CA ASP B 27 -5.86 3.99 18.25
C ASP B 27 -7.04 4.14 17.29
N VAL B 28 -7.66 5.32 17.28
CA VAL B 28 -8.85 5.49 16.46
C VAL B 28 -8.47 5.61 14.98
N PHE B 29 -7.30 6.18 14.68
CA PHE B 29 -6.82 6.20 13.30
C PHE B 29 -6.67 4.78 12.76
N ALA B 30 -6.09 3.89 13.56
CA ALA B 30 -5.94 2.50 13.12
C ALA B 30 -7.28 1.81 12.95
N ARG B 31 -8.26 2.13 13.81
CA ARG B 31 -9.56 1.46 13.71
C ARG B 31 -10.42 2.04 12.59
N ARG B 32 -10.46 3.37 12.46
CA ARG B 32 -11.40 4.01 11.55
C ARG B 32 -10.75 4.64 10.33
N GLY B 33 -9.43 4.87 10.35
CA GLY B 33 -8.76 5.52 9.24
C GLY B 33 -8.07 6.80 9.66
N ILE B 34 -6.99 7.17 8.97
CA ILE B 34 -6.25 8.38 9.29
C ILE B 34 -7.17 9.59 9.15
N GLY B 35 -7.21 10.41 10.19
CA GLY B 35 -7.98 11.63 10.17
C GLY B 35 -9.47 11.47 10.38
N ARG B 36 -9.92 10.30 10.83
CA ARG B 36 -11.33 9.99 11.01
C ARG B 36 -11.80 10.20 12.44
N ALA B 37 -11.09 11.00 13.22
CA ALA B 37 -11.53 11.33 14.56
C ALA B 37 -11.33 12.82 14.80
N GLY B 38 -12.37 13.49 15.29
CA GLY B 38 -12.25 14.88 15.65
C GLY B 38 -11.72 15.06 17.06
N HIS B 39 -11.49 16.32 17.42
CA HIS B 39 -11.03 16.63 18.77
C HIS B 39 -12.05 16.22 19.82
N ALA B 40 -13.34 16.32 19.50
CA ALA B 40 -14.36 15.93 20.47
C ALA B 40 -14.30 14.44 20.77
N ASP B 41 -14.01 13.62 19.76
CA ASP B 41 -13.90 12.19 19.98
C ASP B 41 -12.71 11.86 20.88
N ILE B 42 -11.56 12.49 20.62
CA ILE B 42 -10.38 12.27 21.45
C ILE B 42 -10.64 12.69 22.88
N ALA B 43 -11.30 13.84 23.07
CA ALA B 43 -11.61 14.31 24.41
C ALA B 43 -12.47 13.30 25.16
N GLU B 44 -13.47 12.73 24.50
CA GLU B 44 -14.30 11.71 25.15
C GLU B 44 -13.48 10.48 25.50
N MET B 45 -12.58 10.06 24.61
CA MET B 45 -11.75 8.89 24.89
C MET B 45 -10.88 9.11 26.12
N ALA B 46 -10.37 10.33 26.29
CA ALA B 46 -9.40 10.63 27.33
C ALA B 46 -10.04 11.18 28.60
N ASN B 47 -11.35 11.39 28.61
CA ASN B 47 -12.05 11.97 29.76
C ASN B 47 -11.46 13.34 30.11
N VAL B 48 -11.30 14.18 29.08
CA VAL B 48 -10.84 15.55 29.24
C VAL B 48 -11.75 16.47 28.44
N SER B 49 -11.65 17.76 28.72
CA SER B 49 -12.44 18.75 28.00
C SER B 49 -11.98 18.86 26.55
N VAL B 50 -12.90 19.29 25.68
CA VAL B 50 -12.53 19.49 24.28
C VAL B 50 -11.47 20.58 24.17
N ALA B 51 -11.55 21.60 25.03
CA ALA B 51 -10.54 22.66 25.02
C ALA B 51 -9.16 22.14 25.33
N THR B 52 -9.05 21.10 26.16
CA THR B 52 -7.74 20.51 26.45
C THR B 52 -7.08 19.98 25.19
N VAL B 53 -7.87 19.35 24.32
CA VAL B 53 -7.30 18.78 23.09
C VAL B 53 -6.85 19.90 22.15
N PHE B 54 -7.64 20.96 22.05
CA PHE B 54 -7.24 22.08 21.20
C PHE B 54 -6.02 22.80 21.75
N ASN B 55 -5.83 22.77 23.06
CA ASN B 55 -4.64 23.40 23.64
C ASN B 55 -3.37 22.71 23.15
N TYR B 56 -3.39 21.39 23.03
CA TYR B 56 -2.23 20.67 22.52
C TYR B 56 -2.21 20.57 21.00
N PHE B 57 -3.37 20.59 20.35
CA PHE B 57 -3.45 20.44 18.90
C PHE B 57 -4.42 21.49 18.36
N PRO B 58 -3.90 22.67 18.00
CA PRO B 58 -4.79 23.78 17.60
C PRO B 58 -5.70 23.45 16.43
N THR B 59 -5.32 22.51 15.57
CA THR B 59 -6.11 22.12 14.41
C THR B 59 -6.14 20.60 14.30
N ARG B 60 -7.12 20.12 13.53
CA ARG B 60 -7.15 18.69 13.23
C ARG B 60 -5.92 18.26 12.43
N GLU B 61 -5.41 19.16 11.58
CA GLU B 61 -4.23 18.82 10.78
C GLU B 61 -2.99 18.67 11.66
N ALA B 62 -2.88 19.49 12.72
CA ALA B 62 -1.75 19.35 13.63
C ALA B 62 -1.77 18.00 14.34
N LEU B 63 -2.95 17.53 14.72
CA LEU B 63 -3.05 16.22 15.37
C LEU B 63 -2.71 15.10 14.41
N VAL B 64 -3.24 15.16 13.19
CA VAL B 64 -2.93 14.15 12.18
C VAL B 64 -1.43 14.13 11.90
N GLU B 65 -0.84 15.31 11.69
CA GLU B 65 0.59 15.37 11.37
C GLU B 65 1.43 14.76 12.49
N GLN B 66 1.08 15.03 13.74
CA GLN B 66 1.92 14.56 14.84
C GLN B 66 1.74 13.07 15.11
N VAL B 67 0.55 12.53 14.86
CA VAL B 67 0.37 11.08 14.94
C VAL B 67 1.21 10.37 13.88
N LEU B 68 1.18 10.88 12.65
CA LEU B 68 1.96 10.26 11.58
C LEU B 68 3.45 10.38 11.83
N THR B 69 3.90 11.48 12.44
CA THR B 69 5.29 11.58 12.85
C THR B 69 5.66 10.46 13.80
N GLN B 70 4.80 10.19 14.79
CA GLN B 70 5.04 9.10 15.72
C GLN B 70 5.04 7.76 15.00
N VAL B 71 4.17 7.59 14.01
CA VAL B 71 4.14 6.36 13.22
C VAL B 71 5.43 6.18 12.46
N GLU B 72 5.91 7.24 11.81
CA GLU B 72 7.18 7.16 11.10
C GLU B 72 8.33 6.84 12.05
N ASN B 73 8.31 7.45 13.24
CA ASN B 73 9.36 7.18 14.23
C ASN B 73 9.40 5.70 14.58
N ARG B 74 8.24 5.05 14.72
CA ARG B 74 8.24 3.62 15.02
C ARG B 74 8.86 2.82 13.87
N PHE B 75 8.52 3.18 12.63
CA PHE B 75 9.08 2.47 11.48
C PHE B 75 10.59 2.64 11.40
N SER B 76 11.07 3.88 11.50
CA SER B 76 12.51 4.11 11.41
C SER B 76 13.25 3.51 12.59
N THR B 77 12.63 3.51 13.77
CA THR B 77 13.27 2.86 14.92
C THR B 77 13.40 1.36 14.70
N MET B 78 12.35 0.72 14.18
CA MET B 78 12.43 -0.72 13.90
C MET B 78 13.57 -1.03 12.95
N LEU B 79 13.70 -0.23 11.89
CA LEU B 79 14.81 -0.43 10.95
C LEU B 79 16.16 -0.19 11.63
N GLN B 80 16.26 0.87 12.44
CA GLN B 80 17.53 1.19 13.09
C GLN B 80 18.00 0.08 14.01
N THR B 81 17.10 -0.45 14.85
CA THR B 81 17.50 -1.55 15.72
C THR B 81 17.79 -2.83 14.93
N CYS B 82 17.13 -3.04 13.79
CA CYS B 82 17.53 -4.16 12.94
C CYS B 82 18.93 -3.98 12.37
N MET B 83 19.36 -2.73 12.21
CA MET B 83 20.68 -2.51 11.64
C MET B 83 21.76 -3.00 12.61
N GLY B 84 21.49 -2.90 13.91
CA GLY B 84 22.38 -3.40 14.93
C GLY B 84 23.70 -2.67 14.91
N ASN B 85 24.75 -3.41 15.27
CA ASN B 85 26.10 -2.87 15.35
C ASN B 85 26.72 -2.78 13.96
N PRO B 86 27.77 -1.94 13.80
CA PRO B 86 28.26 -1.65 12.44
C PRO B 86 28.66 -2.85 11.60
N GLY B 87 28.96 -4.00 12.20
CA GLY B 87 29.39 -5.17 11.46
C GLY B 87 28.34 -6.20 11.14
N LYS B 88 27.06 -5.91 11.36
CA LYS B 88 26.03 -6.94 11.27
C LYS B 88 25.85 -7.42 9.84
N PRO B 89 25.80 -8.73 9.59
CA PRO B 89 25.65 -9.23 8.23
C PRO B 89 24.32 -8.82 7.61
N LEU B 90 24.34 -8.66 6.28
CA LEU B 90 23.14 -8.25 5.56
C LEU B 90 22.00 -9.23 5.75
N LEU B 91 22.30 -10.54 5.70
CA LEU B 91 21.26 -11.55 5.87
C LEU B 91 20.52 -11.36 7.19
N LEU B 92 21.27 -11.21 8.29
CA LEU B 92 20.64 -11.03 9.59
C LEU B 92 19.83 -9.74 9.66
N ARG B 93 20.34 -8.67 9.05
CA ARG B 93 19.58 -7.42 9.02
C ARG B 93 18.28 -7.59 8.27
N LEU B 94 18.32 -8.26 7.10
CA LEU B 94 17.11 -8.48 6.32
C LEU B 94 16.13 -9.37 7.06
N ASN B 95 16.62 -10.48 7.63
CA ASN B 95 15.74 -11.34 8.40
C ASN B 95 15.13 -10.58 9.58
N CYS B 96 15.90 -9.69 10.20
CA CYS B 96 15.38 -8.90 11.31
C CYS B 96 14.19 -8.05 10.87
N ILE B 97 14.35 -7.36 9.74
CA ILE B 97 13.29 -6.48 9.26
C ILE B 97 12.02 -7.27 8.97
N THR B 98 12.13 -8.34 8.17
CA THR B 98 10.95 -9.11 7.82
C THR B 98 10.33 -9.78 9.04
N HIS B 99 11.15 -10.30 9.95
CA HIS B 99 10.59 -10.98 11.11
C HIS B 99 9.91 -10.00 12.04
N ASN B 100 10.51 -8.82 12.23
CA ASN B 100 9.85 -7.80 13.07
C ASN B 100 8.58 -7.28 12.42
N LEU B 101 8.53 -7.22 11.09
CA LEU B 101 7.30 -6.81 10.43
C LEU B 101 6.21 -7.84 10.65
N ILE B 102 6.54 -9.13 10.47
CA ILE B 102 5.57 -10.20 10.69
C ILE B 102 5.07 -10.17 12.12
N ASP B 103 6.00 -10.03 13.08
CA ASP B 103 5.60 -9.97 14.49
C ASP B 103 4.66 -8.81 14.76
N ALA B 104 4.90 -7.66 14.10
CA ALA B 104 4.02 -6.51 14.28
C ALA B 104 2.62 -6.78 13.74
N VAL B 105 2.52 -7.53 12.65
CA VAL B 105 1.20 -7.92 12.13
C VAL B 105 0.51 -8.88 13.10
N ILE B 106 1.25 -9.85 13.62
CA ILE B 106 0.67 -10.81 14.56
C ILE B 106 0.17 -10.09 15.81
N GLU B 107 0.93 -9.09 16.28
CA GLU B 107 0.53 -8.30 17.44
C GLU B 107 -0.56 -7.29 17.13
N GLN B 108 -0.93 -7.13 15.85
CA GLN B 108 -1.94 -6.14 15.45
C GLN B 108 -1.50 -4.74 15.85
N GLN B 109 -0.23 -4.42 15.62
CA GLN B 109 0.32 -3.13 16.02
C GLN B 109 -0.35 -2.01 15.26
N ASP B 110 -0.86 -1.02 15.99
CA ASP B 110 -1.56 0.09 15.36
C ASP B 110 -0.63 0.88 14.43
N TRP B 111 0.60 1.12 14.87
CA TRP B 111 1.49 1.99 14.08
C TRP B 111 1.74 1.42 12.70
N LEU B 112 1.93 0.10 12.59
CA LEU B 112 2.23 -0.49 11.29
C LEU B 112 1.03 -0.46 10.36
N LYS B 113 -0.17 -0.69 10.90
CA LYS B 113 -1.38 -0.58 10.09
C LYS B 113 -1.52 0.82 9.53
N VAL B 114 -1.31 1.84 10.37
CA VAL B 114 -1.44 3.22 9.94
C VAL B 114 -0.32 3.58 8.96
N TRP B 115 0.88 3.04 9.18
CA TRP B 115 1.99 3.31 8.27
C TRP B 115 1.66 2.86 6.85
N PHE B 116 1.17 1.63 6.69
CA PHE B 116 0.87 1.16 5.34
C PHE B 116 -0.35 1.86 4.75
N GLU B 117 -1.33 2.23 5.59
CA GLU B 117 -2.44 3.03 5.10
C GLU B 117 -1.97 4.40 4.64
N TRP B 118 -1.09 5.02 5.42
CA TRP B 118 -0.45 6.27 5.03
C TRP B 118 0.24 6.16 3.68
N SER B 119 0.94 5.05 3.44
CA SER B 119 1.75 4.92 2.23
C SER B 119 0.92 4.99 0.96
N THR B 120 -0.36 4.60 1.02
CA THR B 120 -1.24 4.60 -0.14
C THR B 120 -2.29 5.69 -0.09
N SER B 121 -2.23 6.58 0.90
CA SER B 121 -3.18 7.69 1.00
C SER B 121 -2.59 8.91 0.25
N ILE B 122 -2.64 8.81 -1.08
CA ILE B 122 -2.06 9.82 -1.96
C ILE B 122 -2.97 11.05 -1.94
N ARG B 123 -2.83 11.88 -0.92
CA ARG B 123 -3.71 13.05 -0.79
C ARG B 123 -3.00 14.14 0.02
N ASP B 124 -3.58 15.33 -0.02
CA ASP B 124 -3.34 16.38 0.98
C ASP B 124 -1.84 16.68 1.08
N GLU B 125 -1.42 17.09 2.27
CA GLU B 125 -0.04 17.13 2.67
C GLU B 125 0.35 15.91 3.49
N ILE B 126 -0.58 14.98 3.73
CA ILE B 126 -0.20 13.77 4.44
C ILE B 126 0.66 12.89 3.54
N TRP B 127 0.41 12.89 2.22
CA TRP B 127 1.31 12.04 1.44
C TRP B 127 2.66 12.72 1.23
N PRO B 128 2.74 14.04 0.99
CA PRO B 128 4.05 14.70 1.06
C PRO B 128 4.76 14.44 2.36
N GLN B 129 4.03 14.40 3.48
CA GLN B 129 4.67 14.02 4.73
C GLN B 129 5.16 12.58 4.70
N PHE B 130 4.45 11.70 4.00
CA PHE B 130 4.90 10.32 3.94
C PHE B 130 6.22 10.21 3.19
N THR B 131 6.31 10.84 2.02
CA THR B 131 7.51 10.70 1.21
C THR B 131 8.69 11.44 1.82
N HIS B 132 8.44 12.58 2.46
CA HIS B 132 9.54 13.30 3.10
C HIS B 132 10.03 12.57 4.35
N ASP B 133 9.11 12.22 5.26
CA ASP B 133 9.49 11.71 6.57
C ASP B 133 10.10 10.31 6.51
N ASN B 134 9.79 9.55 5.48
CA ASN B 134 10.33 8.19 5.37
C ASN B 134 11.51 8.11 4.43
N ARG B 135 11.95 9.25 3.87
CA ARG B 135 13.18 9.28 3.09
C ARG B 135 14.36 8.79 3.92
N LYS B 136 14.36 9.06 5.22
CA LYS B 136 15.46 8.59 6.06
C LYS B 136 15.48 7.06 6.15
N SER B 137 14.30 6.42 6.10
CA SER B 137 14.28 4.96 6.11
C SER B 137 14.76 4.39 4.78
N LEU B 138 14.39 5.03 3.68
CA LEU B 138 14.91 4.63 2.38
C LEU B 138 16.43 4.75 2.33
N GLU B 139 16.96 5.86 2.86
CA GLU B 139 18.41 6.02 2.94
C GLU B 139 19.03 4.96 3.85
N CYS B 140 18.38 4.65 4.97
CA CYS B 140 18.90 3.62 5.86
C CYS B 140 19.02 2.28 5.14
N LEU B 141 17.95 1.88 4.44
CA LEU B 141 17.98 0.63 3.70
C LEU B 141 19.02 0.67 2.58
N THR B 142 19.16 1.82 1.92
CA THR B 142 20.13 1.95 0.84
C THR B 142 21.55 1.75 1.37
N GLU B 143 21.88 2.38 2.51
CA GLU B 143 23.21 2.20 3.10
C GLU B 143 23.44 0.75 3.48
N MET B 144 22.40 0.08 3.99
CA MET B 144 22.50 -1.33 4.33
C MET B 144 22.90 -2.16 3.11
N PHE B 145 22.23 -1.95 1.97
CA PHE B 145 22.56 -2.73 0.78
C PHE B 145 23.92 -2.33 0.23
N ALA B 146 24.27 -1.05 0.29
CA ALA B 146 25.59 -0.63 -0.16
C ALA B 146 26.68 -1.28 0.68
N GLU B 147 26.47 -1.37 1.99
CA GLU B 147 27.43 -2.06 2.85
C GLU B 147 27.54 -3.54 2.48
N GLY B 148 26.39 -4.19 2.26
CA GLY B 148 26.42 -5.58 1.83
C GLY B 148 27.13 -5.78 0.51
N LEU B 149 26.97 -4.83 -0.41
CA LEU B 149 27.70 -4.89 -1.69
C LEU B 149 29.20 -4.84 -1.46
N GLU B 150 29.65 -3.92 -0.61
CA GLU B 150 31.09 -3.73 -0.38
C GLU B 150 31.72 -4.97 0.23
N LYS B 151 30.94 -5.77 0.96
CA LYS B 151 31.42 -6.99 1.58
C LYS B 151 31.00 -8.24 0.82
N GLN B 152 30.59 -8.09 -0.44
CA GLN B 152 30.22 -9.20 -1.32
C GLN B 152 29.17 -10.11 -0.70
N GLU B 153 28.27 -9.53 0.09
CA GLU B 153 27.13 -10.26 0.60
C GLU B 153 25.99 -10.34 -0.41
N ILE B 154 26.04 -9.51 -1.45
CA ILE B 154 25.04 -9.49 -2.51
C ILE B 154 25.69 -8.82 -3.71
N THR B 155 25.28 -9.23 -4.90
CA THR B 155 25.93 -8.70 -6.10
C THR B 155 25.50 -7.26 -6.39
N THR B 156 26.32 -6.60 -7.22
CA THR B 156 26.08 -5.22 -7.64
C THR B 156 25.37 -5.14 -8.99
N GLN B 157 24.65 -6.20 -9.38
CA GLN B 157 23.84 -6.15 -10.59
C GLN B 157 22.85 -4.99 -10.56
N GLN B 158 22.34 -4.66 -9.38
CA GLN B 158 21.41 -3.55 -9.23
C GLN B 158 21.94 -2.55 -8.20
N PRO B 159 21.70 -1.25 -8.41
CA PRO B 159 22.14 -0.26 -7.42
C PRO B 159 21.50 -0.49 -6.07
N ALA B 160 22.20 -0.05 -5.02
CA ALA B 160 21.73 -0.27 -3.65
C ALA B 160 20.36 0.36 -3.43
N ASP B 161 20.11 1.52 -4.02
CA ASP B 161 18.80 2.16 -3.86
C ASP B 161 17.69 1.33 -4.49
N LYS B 162 17.98 0.65 -5.59
CA LYS B 162 16.97 -0.18 -6.22
C LYS B 162 16.68 -1.41 -5.39
N LEU B 163 17.70 -1.98 -4.73
CA LEU B 163 17.45 -3.07 -3.80
C LEU B 163 16.63 -2.63 -2.61
N ALA B 164 16.88 -1.42 -2.11
CA ALA B 164 16.09 -0.88 -1.00
C ALA B 164 14.61 -0.80 -1.37
N TRP B 165 14.31 -0.27 -2.55
CA TRP B 165 12.93 -0.22 -3.02
C TRP B 165 12.35 -1.63 -3.18
N GLN B 166 13.17 -2.56 -3.68
CA GLN B 166 12.70 -3.94 -3.84
C GLN B 166 12.32 -4.55 -2.50
N LEU B 167 13.13 -4.31 -1.47
CA LEU B 167 12.81 -4.83 -0.13
C LEU B 167 11.52 -4.21 0.40
N TYR B 168 11.28 -2.95 0.07
CA TYR B 168 10.05 -2.31 0.47
C TYR B 168 8.83 -2.99 -0.17
N GLY B 169 8.93 -3.40 -1.43
CA GLY B 169 7.86 -4.16 -2.04
C GLY B 169 7.67 -5.51 -1.38
N ILE B 170 8.77 -6.16 -1.01
CA ILE B 170 8.70 -7.41 -0.26
C ILE B 170 7.98 -7.20 1.07
N CYS B 171 8.25 -6.08 1.74
CA CYS B 171 7.59 -5.82 3.01
C CYS B 171 6.09 -5.62 2.82
N TYR B 172 5.70 -4.96 1.74
CA TYR B 172 4.29 -4.76 1.45
C TYR B 172 3.59 -6.10 1.22
N VAL B 173 4.18 -6.99 0.43
CA VAL B 173 3.49 -8.27 0.19
C VAL B 173 3.51 -9.14 1.44
N LEU B 174 4.59 -9.08 2.23
CA LEU B 174 4.61 -9.81 3.49
C LEU B 174 3.55 -9.27 4.44
N TYR B 175 3.36 -7.95 4.45
CA TYR B 175 2.34 -7.34 5.29
C TYR B 175 0.95 -7.86 4.93
N LEU B 176 0.65 -7.93 3.63
CA LEU B 176 -0.66 -8.40 3.20
C LEU B 176 -0.82 -9.89 3.50
N GLN B 177 0.19 -10.69 3.17
CA GLN B 177 0.08 -12.12 3.38
C GLN B 177 -0.01 -12.48 4.86
N ALA B 178 0.68 -11.71 5.71
CA ALA B 178 0.64 -11.99 7.15
C ALA B 178 -0.71 -11.64 7.75
N ASN B 179 -1.36 -10.58 7.24
CA ASN B 179 -2.70 -10.26 7.67
C ASN B 179 -3.71 -11.29 7.20
N LEU B 180 -3.40 -11.98 6.10
CA LEU B 180 -4.23 -13.11 5.67
C LEU B 180 -3.99 -14.34 6.53
N ASN B 181 -2.73 -14.66 6.81
CA ASN B 181 -2.38 -15.85 7.58
C ASN B 181 -1.36 -15.49 8.65
N PRO B 182 -1.74 -15.52 9.93
CA PRO B 182 -0.87 -15.01 10.99
C PRO B 182 0.29 -15.93 11.35
N ASP B 183 0.31 -17.16 10.84
CA ASP B 183 1.18 -18.19 11.37
C ASP B 183 2.63 -17.76 11.21
N GLN B 184 3.33 -17.55 12.34
CA GLN B 184 4.70 -17.08 12.29
C GLN B 184 5.59 -18.05 11.52
N GLU B 185 5.42 -19.35 11.76
CA GLU B 185 6.26 -20.34 11.08
C GLU B 185 6.07 -20.27 9.57
N GLN B 186 4.82 -20.36 9.09
CA GLN B 186 4.58 -20.26 7.66
C GLN B 186 5.01 -18.91 7.12
N MET B 187 4.83 -17.84 7.90
CA MET B 187 5.10 -16.51 7.38
C MET B 187 6.60 -16.26 7.33
N ARG B 188 7.33 -16.81 8.30
CA ARG B 188 8.78 -16.69 8.28
C ARG B 188 9.39 -17.47 7.11
N GLU B 189 8.83 -18.64 6.81
CA GLU B 189 9.31 -19.38 5.64
C GLU B 189 9.08 -18.59 4.36
N LEU B 190 7.91 -17.95 4.23
CA LEU B 190 7.68 -17.08 3.08
C LEU B 190 8.70 -15.94 3.05
N ALA B 191 8.87 -15.26 4.19
CA ALA B 191 9.80 -14.14 4.27
C ALA B 191 11.22 -14.58 3.93
N ASP B 192 11.66 -15.71 4.49
CA ASP B 192 12.99 -16.20 4.16
C ASP B 192 13.12 -16.53 2.68
N GLY B 193 12.04 -16.99 2.05
CA GLY B 193 12.08 -17.23 0.61
C GLY B 193 12.29 -15.95 -0.19
N TYR B 194 11.58 -14.89 0.17
CA TYR B 194 11.77 -13.61 -0.51
C TYR B 194 13.18 -13.08 -0.28
N VAL B 195 13.66 -13.16 0.95
CA VAL B 195 15.00 -12.64 1.26
C VAL B 195 16.06 -13.47 0.55
N THR B 196 15.90 -14.79 0.55
CA THR B 196 16.83 -15.64 -0.19
C THR B 196 16.86 -15.26 -1.66
N GLY B 197 15.68 -15.05 -2.25
CA GLY B 197 15.62 -14.62 -3.65
C GLY B 197 16.33 -13.29 -3.87
N LEU B 198 15.98 -12.29 -3.05
CA LEU B 198 16.60 -10.97 -3.17
C LEU B 198 18.12 -11.06 -3.10
N LEU B 199 18.65 -11.92 -2.22
CA LEU B 199 20.09 -12.00 -2.00
C LEU B 199 20.82 -12.61 -3.18
N GLY B 200 20.12 -13.29 -4.08
CA GLY B 200 20.70 -13.73 -5.32
C GLY B 200 20.60 -12.71 -6.44
N LYS B 201 19.95 -11.58 -6.18
CA LYS B 201 19.65 -10.60 -7.22
C LYS B 201 20.17 -9.21 -6.86
#